data_3CQL
#
_entry.id   3CQL
#
_cell.length_a   69.000
_cell.length_b   44.490
_cell.length_c   76.810
_cell.angle_alpha   90.00
_cell.angle_beta   94.97
_cell.angle_gamma   90.00
#
_symmetry.space_group_name_H-M   'P 1 21 1'
#
loop_
_entity.id
_entity.type
_entity.pdbx_description
1 polymer Endochitinase
2 non-polymer 2-acetamido-2-deoxy-alpha-D-glucopyranose
3 non-polymer 2-acetamido-2-deoxy-beta-D-glucopyranose
4 non-polymer 'SULFATE ION'
5 non-polymer GLYCEROL
6 water water
#
_entity_poly.entity_id   1
_entity_poly.type   'polypeptide(L)'
_entity_poly.pdbx_seq_one_letter_code
;GIEKIISRSMFDQMLKHRNNPACPAKGFYTYDAFIAAAKSFPSFGTTGSTDVRKREIAAFLGQTSHETTGGWPSAPDGPY
AWGYCFLKERNPSSNYCAPSPRYPCAPGKSYYGRGPIQLSWNYNYGPCGEALRVNLLGNPDLVATDRVISFKTALWFWMT
PQAPKPSCHDVITGRWQPSAADTAAGRLPGYGVITNIINGGLECGKGPNPQVADRIGFFRRYCGILGVGTGNNLDCYNQR
PFG
;
_entity_poly.pdbx_strand_id   A,B
#
loop_
_chem_comp.id
_chem_comp.type
_chem_comp.name
_chem_comp.formula
GOL non-polymer GLYCEROL 'C3 H8 O3'
NAG D-saccharide, beta linking 2-acetamido-2-deoxy-beta-D-glucopyranose 'C8 H15 N O6'
NDG D-saccharide, alpha linking 2-acetamido-2-deoxy-alpha-D-glucopyranose 'C8 H15 N O6'
SO4 non-polymer 'SULFATE ION' 'O4 S -2'
#
# COMPACT_ATOMS: atom_id res chain seq x y z
N GLY A 1 10.09 17.90 25.33
CA GLY A 1 10.76 16.94 24.41
C GLY A 1 10.44 17.20 22.95
N ILE A 2 10.40 16.14 22.15
CA ILE A 2 10.22 16.28 20.70
C ILE A 2 8.81 16.74 20.29
N GLU A 3 7.85 16.68 21.20
CA GLU A 3 6.47 17.12 20.91
C GLU A 3 6.42 18.59 20.47
N LYS A 4 7.44 19.35 20.85
CA LYS A 4 7.58 20.76 20.45
C LYS A 4 7.93 20.93 18.98
N ILE A 5 8.55 19.90 18.40
CA ILE A 5 8.97 19.92 17.00
C ILE A 5 7.95 19.19 16.14
N ILE A 6 7.45 18.08 16.66
CA ILE A 6 6.44 17.30 15.95
C ILE A 6 5.18 17.14 16.79
N SER A 7 4.14 17.88 16.40
CA SER A 7 2.85 17.85 17.08
C SER A 7 2.07 16.62 16.71
N ARG A 8 1.02 16.34 17.49
CA ARG A 8 0.10 15.27 17.18
C ARG A 8 -0.48 15.42 15.78
N SER A 9 -0.88 16.64 15.42
CA SER A 9 -1.51 16.86 14.11
C SER A 9 -0.52 16.61 12.98
N MET A 10 0.73 17.02 13.17
CA MET A 10 1.76 16.76 12.17
C MET A 10 2.05 15.27 11.99
N PHE A 11 2.23 14.57 13.10
CA PHE A 11 2.42 13.11 13.12
C PHE A 11 1.27 12.42 12.39
N ASP A 12 0.04 12.85 12.69
CA ASP A 12 -1.14 12.28 12.05
C ASP A 12 -1.19 12.56 10.55
N GLN A 13 -0.77 13.76 10.14
CA GLN A 13 -0.70 14.09 8.72
C GLN A 13 0.34 13.21 8.01
N MET A 14 1.51 13.07 8.61
CA MET A 14 2.55 12.19 8.10
C MET A 14 2.07 10.74 7.98
N LEU A 15 1.58 10.20 9.08
CA LEU A 15 1.17 8.79 9.14
C LEU A 15 -0.35 8.71 8.94
N LYS A 16 -0.79 9.27 7.81
CA LYS A 16 -2.20 9.49 7.46
C LYS A 16 -3.04 8.23 7.45
N HIS A 17 -2.40 7.09 7.17
CA HIS A 17 -3.11 5.84 6.97
C HIS A 17 -2.81 4.73 7.97
N ARG A 18 -2.08 5.05 9.04
CA ARG A 18 -1.74 4.04 10.02
C ARG A 18 -3.01 3.48 10.69
N ASN A 19 -4.08 4.28 10.75
CA ASN A 19 -5.34 3.85 11.34
C ASN A 19 -6.39 3.46 10.30
N ASN A 20 -5.95 3.36 9.05
CA ASN A 20 -6.83 2.83 8.01
C ASN A 20 -7.19 1.38 8.33
N PRO A 21 -8.50 1.03 8.28
CA PRO A 21 -8.90 -0.35 8.56
C PRO A 21 -8.21 -1.37 7.65
N ALA A 22 -7.69 -0.90 6.51
CA ALA A 22 -6.95 -1.78 5.58
C ALA A 22 -5.55 -2.16 6.06
N CYS A 23 -5.02 -1.45 7.06
CA CYS A 23 -3.68 -1.71 7.55
C CYS A 23 -3.68 -2.71 8.72
N PRO A 24 -2.90 -3.79 8.61
CA PRO A 24 -2.83 -4.77 9.70
C PRO A 24 -2.48 -4.18 11.07
N ALA A 25 -1.68 -3.13 11.11
CA ALA A 25 -1.25 -2.56 12.40
C ALA A 25 -2.18 -1.47 12.92
N LYS A 26 -3.36 -1.33 12.33
CA LYS A 26 -4.31 -0.30 12.74
C LYS A 26 -4.44 -0.21 14.27
N GLY A 27 -4.30 1.01 14.79
CA GLY A 27 -4.46 1.26 16.22
C GLY A 27 -3.22 1.02 17.06
N PHE A 28 -2.21 0.36 16.51
CA PHE A 28 -1.03 0.00 17.30
C PHE A 28 -0.07 1.16 17.49
N TYR A 29 0.29 1.82 16.40
CA TYR A 29 1.29 2.87 16.45
C TYR A 29 0.64 4.19 16.80
N THR A 30 0.83 4.65 18.03
CA THR A 30 0.22 5.89 18.46
C THR A 30 1.24 7.00 18.70
N TYR A 31 0.80 8.24 18.52
CA TYR A 31 1.62 9.40 18.84
C TYR A 31 2.07 9.33 20.30
N ASP A 32 1.15 8.97 21.19
CA ASP A 32 1.47 8.90 22.62
C ASP A 32 2.59 7.91 22.88
N ALA A 33 2.56 6.75 22.22
CA ALA A 33 3.62 5.74 22.35
C ALA A 33 4.96 6.26 21.83
N PHE A 34 4.91 6.93 20.68
CA PHE A 34 6.10 7.53 20.08
C PHE A 34 6.77 8.53 21.05
N ILE A 35 5.98 9.45 21.58
CA ILE A 35 6.46 10.47 22.53
C ILE A 35 6.99 9.83 23.82
N ALA A 36 6.24 8.87 24.36
CA ALA A 36 6.63 8.13 25.55
C ALA A 36 7.96 7.44 25.34
N ALA A 37 8.07 6.72 24.24
CA ALA A 37 9.31 6.03 23.92
C ALA A 37 10.51 6.97 23.79
N ALA A 38 10.29 8.13 23.20
CA ALA A 38 11.37 9.09 22.94
C ALA A 38 11.96 9.64 24.24
N LYS A 39 11.15 9.68 25.28
CA LYS A 39 11.61 10.10 26.60
C LYS A 39 12.79 9.26 27.10
N SER A 40 12.85 8.00 26.69
CA SER A 40 13.94 7.11 27.07
C SER A 40 15.22 7.36 26.26
N PHE A 41 15.11 8.18 25.22
CA PHE A 41 16.25 8.54 24.36
C PHE A 41 16.23 10.05 24.21
N PRO A 42 16.56 10.77 25.30
CA PRO A 42 16.29 12.20 25.34
C PRO A 42 17.03 13.05 24.32
N SER A 43 18.18 12.60 23.82
CA SER A 43 18.91 13.39 22.80
C SER A 43 18.35 13.24 21.38
N PHE A 44 17.48 12.24 21.15
CA PHE A 44 16.82 12.09 19.86
C PHE A 44 15.96 13.33 19.63
N GLY A 45 16.16 14.00 18.50
CA GLY A 45 15.29 15.14 18.14
C GLY A 45 15.45 16.38 19.02
N THR A 46 16.51 16.39 19.83
CA THR A 46 16.80 17.54 20.70
C THR A 46 18.28 17.93 20.60
N THR A 47 18.93 17.42 19.55
CA THR A 47 20.36 17.65 19.32
C THR A 47 20.56 18.58 18.14
N GLY A 48 21.27 19.69 18.37
CA GLY A 48 21.59 20.61 17.29
C GLY A 48 20.56 21.71 17.09
N SER A 49 20.64 22.37 15.95
CA SER A 49 19.71 23.44 15.60
C SER A 49 18.31 22.87 15.39
N THR A 50 17.31 23.75 15.35
CA THR A 50 15.94 23.32 15.06
C THR A 50 15.86 22.63 13.69
N ASP A 51 16.61 23.17 12.73
CA ASP A 51 16.68 22.59 11.39
C ASP A 51 17.16 21.14 11.45
N VAL A 52 18.21 20.90 12.25
CA VAL A 52 18.75 19.54 12.42
C VAL A 52 17.77 18.61 13.14
N ARG A 53 17.11 19.12 14.18
CA ARG A 53 16.16 18.31 14.93
C ARG A 53 14.99 17.88 14.04
N LYS A 54 14.48 18.82 13.24
CA LYS A 54 13.40 18.50 12.31
C LYS A 54 13.87 17.45 11.30
N ARG A 55 15.07 17.62 10.76
CA ARG A 55 15.61 16.64 9.81
C ARG A 55 15.78 15.27 10.46
N GLU A 56 16.19 15.24 11.73
CA GLU A 56 16.35 13.94 12.40
C GLU A 56 15.00 13.23 12.54
N ILE A 57 13.98 13.97 12.96
CA ILE A 57 12.64 13.41 13.07
C ILE A 57 12.14 12.93 11.70
N ALA A 58 12.35 13.73 10.68
CA ALA A 58 11.93 13.35 9.33
C ALA A 58 12.68 12.09 8.85
N ALA A 59 13.98 12.03 9.17
CA ALA A 59 14.79 10.87 8.79
C ALA A 59 14.36 9.60 9.50
N PHE A 60 14.15 9.69 10.81
CA PHE A 60 13.67 8.55 11.57
C PHE A 60 12.30 8.09 11.09
N LEU A 61 11.35 9.02 10.97
CA LEU A 61 10.02 8.66 10.49
C LEU A 61 10.04 8.17 9.05
N GLY A 62 10.93 8.73 8.23
CA GLY A 62 11.07 8.30 6.83
C GLY A 62 11.52 6.84 6.73
N GLN A 63 12.55 6.47 7.47
CA GLN A 63 13.12 5.14 7.39
C GLN A 63 12.15 4.12 7.94
N THR A 64 11.64 4.41 9.13
CA THR A 64 10.65 3.53 9.78
C THR A 64 9.38 3.42 8.94
N SER A 65 8.98 4.50 8.27
CA SER A 65 7.83 4.44 7.36
C SER A 65 8.07 3.46 6.22
N HIS A 66 9.26 3.51 5.63
CA HIS A 66 9.57 2.53 4.60
C HIS A 66 9.52 1.09 5.16
N GLU A 67 10.08 0.90 6.35
CA GLU A 67 10.17 -0.44 6.92
C GLU A 67 8.78 -1.04 7.14
N THR A 68 7.79 -0.18 7.33
CA THR A 68 6.45 -0.61 7.70
C THR A 68 5.40 -0.24 6.63
N THR A 69 5.85 0.10 5.43
CA THR A 69 4.96 0.68 4.44
C THR A 69 3.90 -0.28 3.88
N GLY A 70 2.69 0.24 3.71
CA GLY A 70 1.66 -0.46 2.94
C GLY A 70 1.46 0.20 1.58
N GLY A 71 2.37 1.10 1.21
CA GLY A 71 2.22 1.88 -0.02
C GLY A 71 2.23 1.05 -1.29
N TRP A 72 1.61 1.63 -2.32
CA TRP A 72 1.78 1.18 -3.69
C TRP A 72 1.73 2.44 -4.56
N PRO A 73 2.27 2.36 -5.79
CA PRO A 73 2.48 3.61 -6.53
C PRO A 73 1.22 4.48 -6.70
N SER A 74 0.07 3.84 -6.89
CA SER A 74 -1.17 4.58 -7.13
C SER A 74 -2.06 4.69 -5.89
N ALA A 75 -1.46 4.54 -4.71
CA ALA A 75 -2.20 4.63 -3.45
C ALA A 75 -2.79 6.02 -3.24
N PRO A 76 -3.96 6.10 -2.57
CA PRO A 76 -4.48 7.42 -2.18
C PRO A 76 -3.44 8.19 -1.36
N ASP A 77 -3.31 9.49 -1.64
CA ASP A 77 -2.33 10.36 -0.97
C ASP A 77 -0.87 10.05 -1.33
N GLY A 78 -0.67 9.14 -2.28
CA GLY A 78 0.67 8.78 -2.73
C GLY A 78 1.29 7.67 -1.89
N PRO A 79 2.31 6.99 -2.44
CA PRO A 79 2.89 5.86 -1.69
C PRO A 79 3.58 6.28 -0.39
N TYR A 80 3.89 7.57 -0.26
CA TYR A 80 4.64 8.07 0.90
C TYR A 80 3.71 8.57 2.01
N ALA A 81 2.44 8.20 1.91
CA ALA A 81 1.46 8.45 2.98
C ALA A 81 1.02 7.17 3.70
N TRP A 82 1.67 6.05 3.35
CA TRP A 82 1.27 4.73 3.82
C TRP A 82 2.27 4.06 4.76
N GLY A 83 3.07 4.88 5.42
CA GLY A 83 3.95 4.39 6.48
C GLY A 83 3.18 3.81 7.65
N TYR A 84 3.84 2.93 8.39
CA TYR A 84 3.30 2.42 9.66
C TYR A 84 2.01 1.62 9.46
N CYS A 85 1.95 0.91 8.34
CA CYS A 85 0.81 0.08 8.00
C CYS A 85 0.97 -1.35 8.54
N PHE A 86 2.21 -1.81 8.64
CA PHE A 86 2.55 -3.16 9.09
C PHE A 86 3.32 -3.16 10.40
N LEU A 87 3.20 -4.26 11.13
CA LEU A 87 3.90 -4.46 12.39
C LEU A 87 4.95 -5.58 12.28
N LYS A 88 4.65 -6.63 11.52
CA LYS A 88 5.53 -7.78 11.37
C LYS A 88 5.98 -7.94 9.92
N GLU A 89 7.23 -8.35 9.74
CA GLU A 89 7.77 -8.61 8.42
C GLU A 89 6.85 -9.52 7.63
N ARG A 90 6.58 -9.12 6.39
CA ARG A 90 5.72 -9.92 5.52
C ARG A 90 6.53 -11.03 4.88
N ASN A 91 6.06 -12.27 5.02
CA ASN A 91 6.70 -13.40 4.32
C ASN A 91 8.21 -13.52 4.56
N PRO A 92 8.65 -13.56 5.84
CA PRO A 92 10.09 -13.72 6.10
C PRO A 92 10.60 -15.06 5.57
N SER A 93 11.82 -15.06 5.04
CA SER A 93 12.43 -16.25 4.42
C SER A 93 13.25 -17.11 5.40
N SER A 94 13.55 -16.56 6.57
CA SER A 94 14.26 -17.31 7.61
C SER A 94 13.89 -16.84 9.00
N ASN A 95 14.46 -17.52 10.00
CA ASN A 95 14.27 -17.13 11.39
C ASN A 95 15.26 -16.03 11.84
N TYR A 96 16.10 -15.57 10.92
CA TYR A 96 17.07 -14.50 11.21
C TYR A 96 17.94 -14.84 12.43
N CYS A 97 18.50 -16.05 12.38
CA CYS A 97 19.36 -16.52 13.45
C CYS A 97 20.79 -16.65 12.93
N ALA A 98 21.71 -15.96 13.59
CA ALA A 98 23.12 -15.97 13.25
C ALA A 98 23.91 -16.40 14.48
N PRO A 99 25.11 -17.01 14.27
CA PRO A 99 25.97 -17.33 15.40
C PRO A 99 26.26 -16.10 16.24
N SER A 100 26.15 -16.23 17.56
CA SER A 100 26.45 -15.15 18.49
C SER A 100 26.73 -15.75 19.86
N PRO A 101 28.01 -15.75 20.28
CA PRO A 101 28.38 -16.11 21.64
C PRO A 101 27.57 -15.36 22.71
N ARG A 102 27.43 -14.04 22.58
CA ARG A 102 26.74 -13.23 23.58
C ARG A 102 25.21 -13.29 23.52
N TYR A 103 24.67 -13.43 22.31
CA TYR A 103 23.22 -13.36 22.10
C TYR A 103 22.73 -14.54 21.29
N PRO A 104 22.90 -15.77 21.82
CA PRO A 104 22.52 -16.91 20.99
C PRO A 104 21.03 -16.96 20.76
N CYS A 105 20.65 -17.48 19.60
CA CYS A 105 19.24 -17.68 19.27
C CYS A 105 18.55 -18.56 20.29
N ALA A 106 17.41 -18.11 20.76
CA ALA A 106 16.58 -18.88 21.67
C ALA A 106 15.82 -19.93 20.88
N PRO A 107 15.98 -21.22 21.23
CA PRO A 107 15.25 -22.28 20.52
C PRO A 107 13.77 -21.98 20.33
N GLY A 108 13.30 -22.19 19.10
CA GLY A 108 11.89 -21.98 18.77
C GLY A 108 11.49 -20.55 18.45
N LYS A 109 12.42 -19.61 18.55
CA LYS A 109 12.08 -18.21 18.31
C LYS A 109 12.58 -17.73 16.95
N SER A 110 11.97 -16.65 16.46
CA SER A 110 12.31 -16.11 15.15
C SER A 110 12.52 -14.61 15.26
N TYR A 111 13.58 -14.13 14.61
CA TYR A 111 13.98 -12.73 14.74
C TYR A 111 13.74 -11.95 13.45
N TYR A 112 12.64 -12.27 12.78
CA TYR A 112 12.18 -11.46 11.66
C TYR A 112 11.80 -10.04 12.11
N GLY A 113 11.57 -9.17 11.14
CA GLY A 113 11.34 -7.76 11.42
C GLY A 113 10.09 -7.50 12.23
N ARG A 114 10.23 -6.69 13.27
CA ARG A 114 9.09 -6.27 14.07
C ARG A 114 9.22 -4.79 14.45
N GLY A 115 8.08 -4.11 14.51
CA GLY A 115 8.05 -2.71 14.96
C GLY A 115 8.52 -1.73 13.90
N PRO A 116 8.62 -0.45 14.27
CA PRO A 116 8.88 0.60 13.30
C PRO A 116 10.17 0.45 12.48
N ILE A 117 11.25 -0.04 13.08
CA ILE A 117 12.49 -0.24 12.31
C ILE A 117 12.63 -1.64 11.77
N GLN A 118 11.61 -2.47 12.00
CA GLN A 118 11.68 -3.88 11.56
C GLN A 118 12.98 -4.52 12.07
N LEU A 119 13.22 -4.32 13.37
CA LEU A 119 14.34 -4.92 14.07
C LEU A 119 14.46 -6.40 13.69
N SER A 120 15.65 -6.79 13.25
CA SER A 120 15.91 -8.14 12.78
C SER A 120 17.18 -8.70 13.39
N TRP A 121 17.24 -10.02 13.50
CA TRP A 121 18.43 -10.79 13.93
C TRP A 121 18.58 -10.89 15.45
N ASN A 122 18.96 -12.08 15.92
CA ASN A 122 19.25 -12.28 17.34
C ASN A 122 20.25 -11.28 17.88
N TYR A 123 21.22 -10.90 17.05
CA TYR A 123 22.30 -10.03 17.50
C TYR A 123 21.90 -8.56 17.63
N ASN A 124 20.68 -8.22 17.17
CA ASN A 124 20.06 -6.93 17.47
C ASN A 124 19.06 -7.02 18.63
N TYR A 125 18.22 -8.05 18.59
CA TYR A 125 17.25 -8.28 19.67
C TYR A 125 17.93 -8.42 21.02
N GLY A 126 19.04 -9.16 21.04
CA GLY A 126 19.81 -9.34 22.28
C GLY A 126 20.23 -8.06 23.00
N PRO A 127 21.13 -7.27 22.38
CA PRO A 127 21.56 -6.04 23.05
C PRO A 127 20.46 -4.98 23.23
N CYS A 128 19.51 -4.95 22.31
CA CYS A 128 18.36 -4.06 22.47
C CYS A 128 17.57 -4.41 23.75
N GLY A 129 17.27 -5.69 23.94
CA GLY A 129 16.55 -6.11 25.15
C GLY A 129 17.35 -5.77 26.40
N GLU A 130 18.66 -5.94 26.35
CA GLU A 130 19.52 -5.57 27.48
C GLU A 130 19.40 -4.09 27.80
N ALA A 131 19.46 -3.23 26.78
CA ALA A 131 19.33 -1.79 26.95
C ALA A 131 17.94 -1.40 27.49
N LEU A 132 16.92 -2.09 27.02
CA LEU A 132 15.54 -1.77 27.40
C LEU A 132 15.08 -2.50 28.66
N ARG A 133 15.94 -3.37 29.18
CA ARG A 133 15.63 -4.18 30.38
C ARG A 133 14.41 -5.09 30.20
N VAL A 134 14.27 -5.66 29.00
CA VAL A 134 13.23 -6.65 28.68
C VAL A 134 13.88 -7.80 27.90
N ASN A 135 13.31 -8.99 28.01
CA ASN A 135 13.92 -10.17 27.41
C ASN A 135 13.50 -10.35 25.95
N LEU A 136 14.07 -9.52 25.08
CA LEU A 136 13.72 -9.54 23.66
C LEU A 136 14.33 -10.73 22.94
N LEU A 137 15.48 -11.20 23.40
CA LEU A 137 16.11 -12.37 22.82
C LEU A 137 15.27 -13.62 23.07
N GLY A 138 14.72 -13.74 24.28
CA GLY A 138 13.86 -14.88 24.61
C GLY A 138 12.41 -14.74 24.17
N ASN A 139 11.95 -13.48 24.06
CA ASN A 139 10.57 -13.17 23.69
C ASN A 139 10.55 -12.06 22.65
N PRO A 140 11.04 -12.37 21.44
CA PRO A 140 11.10 -11.30 20.43
C PRO A 140 9.72 -10.75 20.05
N ASP A 141 8.68 -11.56 20.21
CA ASP A 141 7.30 -11.12 19.92
C ASP A 141 6.88 -9.88 20.70
N LEU A 142 7.58 -9.59 21.81
CA LEU A 142 7.26 -8.42 22.63
C LEU A 142 7.29 -7.14 21.78
N VAL A 143 8.20 -7.12 20.80
CA VAL A 143 8.35 -5.94 19.94
C VAL A 143 7.07 -5.68 19.13
N ALA A 144 6.30 -6.74 18.88
CA ALA A 144 5.04 -6.61 18.16
C ALA A 144 3.83 -6.67 19.10
N THR A 145 4.05 -6.51 20.40
CA THR A 145 2.96 -6.68 21.37
C THR A 145 2.69 -5.44 22.21
N ASP A 146 3.77 -4.77 22.66
CA ASP A 146 3.61 -3.54 23.43
C ASP A 146 4.07 -2.36 22.59
N ARG A 147 3.21 -1.35 22.44
CA ARG A 147 3.50 -0.23 21.54
C ARG A 147 4.66 0.66 21.97
N VAL A 148 4.83 0.87 23.28
CA VAL A 148 5.96 1.67 23.74
C VAL A 148 7.27 0.90 23.54
N ILE A 149 7.30 -0.39 23.89
CA ILE A 149 8.49 -1.20 23.64
C ILE A 149 8.80 -1.20 22.14
N SER A 150 7.77 -1.34 21.31
CA SER A 150 7.95 -1.32 19.87
C SER A 150 8.72 -0.07 19.41
N PHE A 151 8.25 1.11 19.81
CA PHE A 151 8.93 2.35 19.43
C PHE A 151 10.32 2.43 20.03
N LYS A 152 10.46 1.95 21.27
CA LYS A 152 11.77 1.98 21.92
C LYS A 152 12.81 1.14 21.16
N THR A 153 12.42 0.02 20.56
CA THR A 153 13.39 -0.78 19.79
C THR A 153 13.91 0.00 18.58
N ALA A 154 13.01 0.74 17.94
CA ALA A 154 13.36 1.57 16.79
C ALA A 154 14.30 2.71 17.16
N LEU A 155 13.98 3.39 18.26
CA LEU A 155 14.85 4.45 18.76
C LEU A 155 16.18 3.88 19.24
N TRP A 156 16.16 2.74 19.91
CA TRP A 156 17.41 2.08 20.32
C TRP A 156 18.28 1.87 19.08
N PHE A 157 17.69 1.30 18.03
CA PHE A 157 18.50 1.01 16.86
C PHE A 157 19.11 2.27 16.29
N TRP A 158 18.27 3.30 16.15
CA TRP A 158 18.64 4.60 15.62
C TRP A 158 19.77 5.27 16.40
N MET A 159 19.77 5.09 17.73
CA MET A 159 20.68 5.82 18.61
C MET A 159 21.97 5.07 18.91
N THR A 160 22.06 3.82 18.48
CA THR A 160 23.14 2.95 18.96
C THR A 160 24.20 2.66 17.89
N PRO A 161 25.44 3.15 18.11
CA PRO A 161 26.50 2.75 17.18
C PRO A 161 26.78 1.25 17.26
N GLN A 162 27.14 0.65 16.13
CA GLN A 162 27.57 -0.74 16.11
C GLN A 162 28.72 -0.81 15.13
N ALA A 163 29.93 -0.59 15.65
CA ALA A 163 31.16 -0.51 14.84
C ALA A 163 31.19 -1.65 13.83
N PRO A 164 31.56 -1.33 12.57
CA PRO A 164 32.05 -0.04 12.08
C PRO A 164 30.96 0.99 11.70
N LYS A 165 29.70 0.69 12.04
CA LYS A 165 28.62 1.63 11.74
C LYS A 165 28.47 2.67 12.85
N PRO A 166 28.36 3.96 12.48
CA PRO A 166 28.01 4.97 13.48
C PRO A 166 26.53 4.82 13.77
N SER A 167 26.02 5.55 14.75
CA SER A 167 24.57 5.61 14.92
C SER A 167 23.94 6.47 13.83
N CYS A 168 22.72 6.11 13.43
CA CYS A 168 21.94 6.96 12.53
C CYS A 168 21.84 8.37 13.10
N HIS A 169 21.67 8.43 14.43
CA HIS A 169 21.60 9.71 15.15
C HIS A 169 22.82 10.60 14.86
N ASP A 170 24.01 10.04 15.02
CA ASP A 170 25.23 10.82 14.82
C ASP A 170 25.41 11.25 13.36
N VAL A 171 24.98 10.42 12.42
CA VAL A 171 25.04 10.81 11.03
C VAL A 171 24.14 12.02 10.77
N ILE A 172 22.86 11.92 11.13
CA ILE A 172 21.91 12.97 10.77
C ILE A 172 22.13 14.29 11.50
N THR A 173 22.75 14.23 12.69
CA THR A 173 23.01 15.44 13.48
C THR A 173 24.34 16.11 13.10
N GLY A 174 25.13 15.44 12.26
CA GLY A 174 26.41 15.99 11.82
C GLY A 174 27.58 15.71 12.75
N ARG A 175 27.38 14.83 13.72
CA ARG A 175 28.43 14.46 14.67
C ARG A 175 29.41 13.46 14.05
N TRP A 176 28.91 12.61 13.16
CA TRP A 176 29.73 11.59 12.54
C TRP A 176 30.57 12.21 11.42
N GLN A 177 31.86 11.89 11.45
CA GLN A 177 32.77 12.26 10.38
C GLN A 177 33.22 10.95 9.69
N PRO A 178 33.09 10.88 8.36
CA PRO A 178 33.49 9.64 7.68
C PRO A 178 34.99 9.34 7.81
N SER A 179 35.33 8.05 7.91
CA SER A 179 36.73 7.60 7.90
C SER A 179 37.26 7.62 6.47
N ALA A 180 38.55 7.34 6.30
CA ALA A 180 39.14 7.21 4.97
C ALA A 180 38.49 6.07 4.17
N ALA A 181 38.11 4.99 4.86
CA ALA A 181 37.43 3.89 4.18
C ALA A 181 36.06 4.34 3.70
N ASP A 182 35.38 5.13 4.53
CA ASP A 182 34.06 5.66 4.18
C ASP A 182 34.12 6.60 2.98
N THR A 183 35.07 7.53 2.97
CA THR A 183 35.16 8.47 1.85
C THR A 183 35.58 7.78 0.56
N ALA A 184 36.37 6.70 0.68
CA ALA A 184 36.74 5.93 -0.51
C ALA A 184 35.52 5.21 -1.08
N ALA A 185 34.67 4.69 -0.17
CA ALA A 185 33.49 3.89 -0.54
C ALA A 185 32.27 4.75 -0.89
N GLY A 186 32.39 6.07 -0.71
CA GLY A 186 31.28 6.97 -0.98
C GLY A 186 30.23 6.99 0.10
N ARG A 187 30.59 6.55 1.30
CA ARG A 187 29.71 6.64 2.47
C ARG A 187 29.89 8.02 3.10
N LEU A 188 29.14 8.98 2.57
CA LEU A 188 29.24 10.38 2.96
C LEU A 188 28.02 10.81 3.77
N PRO A 189 28.17 11.82 4.65
CA PRO A 189 27.05 12.20 5.52
C PRO A 189 25.77 12.46 4.73
N GLY A 190 24.68 11.84 5.17
CA GLY A 190 23.38 12.04 4.56
C GLY A 190 22.49 10.85 4.77
N TYR A 191 21.30 10.92 4.20
CA TYR A 191 20.29 9.87 4.38
C TYR A 191 20.72 8.51 3.81
N GLY A 192 21.50 8.54 2.72
CA GLY A 192 21.97 7.30 2.08
C GLY A 192 22.76 6.41 3.02
N VAL A 193 23.65 7.02 3.82
CA VAL A 193 24.45 6.30 4.82
C VAL A 193 23.54 5.67 5.88
N ILE A 194 22.44 6.36 6.19
CA ILE A 194 21.47 5.85 7.16
C ILE A 194 20.77 4.59 6.62
N THR A 195 20.36 4.62 5.35
CA THR A 195 19.88 3.41 4.70
C THR A 195 20.92 2.30 4.78
N ASN A 196 22.18 2.67 4.56
CA ASN A 196 23.27 1.69 4.60
C ASN A 196 23.38 1.02 6.00
N ILE A 197 23.30 1.83 7.05
CA ILE A 197 23.33 1.32 8.43
C ILE A 197 22.16 0.35 8.66
N ILE A 198 20.99 0.72 8.17
CA ILE A 198 19.77 -0.04 8.44
C ILE A 198 19.71 -1.36 7.66
N ASN A 199 20.06 -1.33 6.38
CA ASN A 199 19.90 -2.53 5.53
C ASN A 199 20.83 -2.53 4.31
N GLY A 200 22.04 -2.02 4.50
CA GLY A 200 22.95 -1.79 3.39
C GLY A 200 23.47 -3.02 2.68
N GLY A 201 23.64 -4.11 3.44
CA GLY A 201 24.09 -5.37 2.86
C GLY A 201 23.19 -5.80 1.72
N LEU A 202 21.89 -5.58 1.89
CA LEU A 202 20.93 -5.98 0.87
C LEU A 202 20.56 -4.90 -0.15
N GLU A 203 20.70 -3.64 0.23
CA GLU A 203 20.15 -2.53 -0.56
C GLU A 203 21.16 -1.59 -1.21
N CYS A 204 22.40 -1.58 -0.70
CA CYS A 204 23.37 -0.56 -1.09
C CYS A 204 24.49 -1.07 -1.99
N GLY A 205 25.02 -0.17 -2.80
CA GLY A 205 26.20 -0.44 -3.62
C GLY A 205 25.94 -1.31 -4.82
N LYS A 206 24.68 -1.40 -5.23
CA LYS A 206 24.26 -2.28 -6.34
C LYS A 206 23.50 -1.49 -7.41
N GLY A 207 23.62 -0.16 -7.38
CA GLY A 207 22.88 0.71 -8.27
C GLY A 207 21.43 0.93 -7.85
N PRO A 208 20.64 1.60 -8.71
CA PRO A 208 19.24 1.90 -8.41
C PRO A 208 18.45 0.71 -7.85
N ASN A 209 17.61 1.01 -6.87
CA ASN A 209 16.95 0.02 -6.06
C ASN A 209 15.63 0.66 -5.59
N PRO A 210 14.49 -0.01 -5.80
CA PRO A 210 13.20 0.60 -5.42
C PRO A 210 13.01 0.77 -3.90
N GLN A 211 13.65 -0.07 -3.09
CA GLN A 211 13.53 0.05 -1.64
C GLN A 211 14.25 1.31 -1.19
N VAL A 212 15.44 1.53 -1.73
CA VAL A 212 16.17 2.74 -1.39
C VAL A 212 15.39 3.99 -1.85
N ALA A 213 14.78 3.94 -3.03
CA ALA A 213 13.98 5.07 -3.54
C ALA A 213 12.77 5.32 -2.64
N ASP A 214 12.15 4.26 -2.14
CA ASP A 214 10.99 4.40 -1.28
C ASP A 214 11.37 5.11 0.02
N ARG A 215 12.51 4.73 0.59
CA ARG A 215 13.02 5.39 1.79
C ARG A 215 13.19 6.88 1.54
N ILE A 216 13.74 7.22 0.39
CA ILE A 216 13.93 8.63 0.03
C ILE A 216 12.61 9.38 -0.14
N GLY A 217 11.62 8.74 -0.74
CA GLY A 217 10.32 9.39 -0.94
C GLY A 217 9.66 9.82 0.37
N PHE A 218 9.68 8.94 1.36
CA PHE A 218 9.13 9.28 2.67
C PHE A 218 9.90 10.45 3.29
N PHE A 219 11.22 10.36 3.25
CA PHE A 219 12.06 11.41 3.81
C PHE A 219 11.78 12.76 3.16
N ARG A 220 11.65 12.78 1.84
CA ARG A 220 11.31 14.02 1.13
C ARG A 220 9.96 14.58 1.57
N ARG A 221 8.94 13.71 1.65
CA ARG A 221 7.61 14.14 2.06
C ARG A 221 7.65 14.75 3.47
N TYR A 222 8.32 14.06 4.38
CA TYR A 222 8.38 14.53 5.77
C TYR A 222 9.20 15.82 5.94
N CYS A 223 10.30 15.95 5.20
CA CYS A 223 11.07 17.20 5.21
C CYS A 223 10.24 18.35 4.67
N GLY A 224 9.44 18.08 3.64
CA GLY A 224 8.53 19.07 3.07
C GLY A 224 7.52 19.56 4.11
N ILE A 225 6.92 18.61 4.83
CA ILE A 225 5.96 18.92 5.89
C ILE A 225 6.62 19.71 7.02
N LEU A 226 7.82 19.31 7.42
CA LEU A 226 8.52 19.99 8.51
C LEU A 226 9.18 21.29 8.07
N GLY A 227 9.29 21.50 6.77
CA GLY A 227 9.89 22.74 6.24
C GLY A 227 11.39 22.80 6.24
N VAL A 228 12.05 21.67 6.02
CA VAL A 228 13.52 21.61 6.01
C VAL A 228 14.04 20.96 4.73
N GLY A 229 15.29 21.27 4.37
CA GLY A 229 15.97 20.58 3.28
C GLY A 229 16.34 19.17 3.69
N THR A 230 16.44 18.29 2.70
CA THR A 230 16.77 16.89 2.99
C THR A 230 18.27 16.72 3.14
N GLY A 231 19.02 17.67 2.60
CA GLY A 231 20.45 17.47 2.39
C GLY A 231 20.68 16.62 1.16
N ASN A 232 21.94 16.33 0.86
CA ASN A 232 22.31 15.52 -0.29
C ASN A 232 22.74 14.12 0.12
N ASN A 233 23.31 13.37 -0.81
CA ASN A 233 23.75 12.00 -0.52
C ASN A 233 22.59 11.16 0.00
N LEU A 234 21.46 11.25 -0.70
CA LEU A 234 20.23 10.60 -0.26
C LEU A 234 20.16 9.10 -0.51
N ASP A 235 20.84 8.64 -1.56
CA ASP A 235 20.82 7.22 -1.91
C ASP A 235 22.13 6.56 -1.52
N CYS A 236 22.17 5.24 -1.56
CA CYS A 236 23.39 4.49 -1.31
C CYS A 236 23.70 3.58 -2.51
N TYR A 237 23.21 3.95 -3.69
CA TYR A 237 23.38 3.12 -4.90
C TYR A 237 24.85 2.83 -5.23
N ASN A 238 25.73 3.75 -4.88
CA ASN A 238 27.16 3.58 -5.15
C ASN A 238 28.02 3.45 -3.88
N GLN A 239 27.38 3.22 -2.74
CA GLN A 239 28.09 3.04 -1.47
C GLN A 239 28.33 1.58 -1.21
N ARG A 240 29.58 1.20 -0.97
CA ARG A 240 29.87 -0.13 -0.44
C ARG A 240 29.16 -0.27 0.91
N PRO A 241 28.44 -1.40 1.13
CA PRO A 241 27.86 -1.63 2.45
C PRO A 241 28.91 -1.55 3.56
N PHE A 242 28.49 -1.04 4.72
CA PHE A 242 29.35 -1.03 5.91
C PHE A 242 29.76 -2.46 6.24
N GLY A 243 30.87 -2.60 6.97
CA GLY A 243 31.30 -3.91 7.48
C GLY A 243 30.37 -4.50 8.53
N GLY B 1 -34.41 -3.78 -15.88
CA GLY B 1 -32.95 -3.54 -15.73
C GLY B 1 -32.57 -3.36 -14.27
N ILE B 2 -31.28 -3.14 -14.04
CA ILE B 2 -30.76 -3.06 -12.67
C ILE B 2 -31.31 -1.90 -11.84
N GLU B 3 -31.96 -0.92 -12.48
CA GLU B 3 -32.55 0.22 -11.75
C GLU B 3 -33.62 -0.27 -10.76
N LYS B 4 -34.14 -1.47 -11.01
CA LYS B 4 -35.12 -2.11 -10.12
C LYS B 4 -34.48 -2.59 -8.81
N ILE B 5 -33.16 -2.79 -8.81
CA ILE B 5 -32.44 -3.23 -7.62
C ILE B 5 -31.67 -2.06 -7.01
N ILE B 6 -31.05 -1.26 -7.85
CA ILE B 6 -30.31 -0.09 -7.37
C ILE B 6 -30.90 1.22 -7.91
N SER B 7 -31.61 1.92 -7.03
CA SER B 7 -32.22 3.19 -7.38
C SER B 7 -31.20 4.32 -7.38
N ARG B 8 -31.62 5.48 -7.88
CA ARG B 8 -30.76 6.65 -7.85
C ARG B 8 -30.33 7.03 -6.43
N SER B 9 -31.28 7.01 -5.49
CA SER B 9 -30.97 7.40 -4.11
C SER B 9 -29.98 6.43 -3.46
N MET B 10 -30.12 5.13 -3.76
CA MET B 10 -29.17 4.14 -3.23
C MET B 10 -27.75 4.37 -3.80
N PHE B 11 -27.67 4.50 -5.12
CA PHE B 11 -26.43 4.85 -5.82
C PHE B 11 -25.80 6.07 -5.19
N ASP B 12 -26.59 7.13 -5.01
CA ASP B 12 -26.09 8.35 -4.40
C ASP B 12 -25.67 8.20 -2.95
N GLN B 13 -26.35 7.33 -2.21
CA GLN B 13 -25.97 7.05 -0.82
C GLN B 13 -24.63 6.33 -0.79
N MET B 14 -24.50 5.31 -1.63
CA MET B 14 -23.25 4.57 -1.73
C MET B 14 -22.09 5.48 -2.12
N LEU B 15 -22.31 6.28 -3.15
CA LEU B 15 -21.27 7.16 -3.70
C LEU B 15 -21.49 8.60 -3.25
N LYS B 16 -21.63 8.78 -1.93
CA LYS B 16 -22.12 10.05 -1.39
C LYS B 16 -21.12 11.20 -1.38
N HIS B 17 -19.84 10.90 -1.66
CA HIS B 17 -18.82 11.94 -1.62
C HIS B 17 -18.11 12.15 -2.96
N ARG B 18 -18.61 11.52 -4.03
CA ARG B 18 -17.91 11.60 -5.30
C ARG B 18 -17.83 13.02 -5.85
N ASN B 19 -18.78 13.86 -5.46
CA ASN B 19 -18.82 15.23 -5.94
C ASN B 19 -18.30 16.25 -4.93
N ASN B 20 -17.56 15.76 -3.93
CA ASN B 20 -16.81 16.63 -3.03
C ASN B 20 -15.76 17.41 -3.82
N PRO B 21 -15.55 18.70 -3.47
CA PRO B 21 -14.54 19.49 -4.19
C PRO B 21 -13.15 18.85 -4.27
N ALA B 22 -12.81 17.98 -3.32
CA ALA B 22 -11.52 17.31 -3.30
C ALA B 22 -11.39 16.15 -4.32
N CYS B 23 -12.51 15.76 -4.92
CA CYS B 23 -12.51 14.63 -5.86
C CYS B 23 -12.30 15.09 -7.29
N PRO B 24 -11.17 14.69 -7.91
CA PRO B 24 -10.92 15.17 -9.28
C PRO B 24 -11.92 14.69 -10.32
N ALA B 25 -12.67 13.64 -10.00
CA ALA B 25 -13.68 13.14 -10.93
C ALA B 25 -15.03 13.79 -10.74
N LYS B 26 -15.11 14.76 -9.83
CA LYS B 26 -16.36 15.46 -9.51
C LYS B 26 -17.17 15.79 -10.78
N GLY B 27 -18.44 15.38 -10.79
CA GLY B 27 -19.33 15.63 -11.91
C GLY B 27 -19.32 14.60 -13.03
N PHE B 28 -18.33 13.71 -13.04
CA PHE B 28 -18.19 12.76 -14.15
C PHE B 28 -19.09 11.53 -14.02
N TYR B 29 -19.10 10.93 -12.84
CA TYR B 29 -19.78 9.65 -12.66
C TYR B 29 -21.24 9.90 -12.31
N THR B 30 -22.14 9.51 -13.21
CA THR B 30 -23.56 9.71 -12.97
C THR B 30 -24.34 8.40 -12.95
N TYR B 31 -25.44 8.41 -12.19
CA TYR B 31 -26.36 7.29 -12.17
C TYR B 31 -26.87 7.00 -13.58
N ASP B 32 -27.21 8.06 -14.32
CA ASP B 32 -27.72 7.88 -15.69
C ASP B 32 -26.73 7.15 -16.60
N ALA B 33 -25.44 7.48 -16.50
CA ALA B 33 -24.40 6.81 -17.29
C ALA B 33 -24.19 5.35 -16.89
N PHE B 34 -24.22 5.09 -15.58
CA PHE B 34 -24.20 3.72 -15.06
C PHE B 34 -25.36 2.88 -15.63
N ILE B 35 -26.58 3.38 -15.48
CA ILE B 35 -27.77 2.68 -15.98
C ILE B 35 -27.71 2.47 -17.51
N ALA B 36 -27.34 3.51 -18.24
CA ALA B 36 -27.23 3.41 -19.70
C ALA B 36 -26.18 2.38 -20.11
N ALA B 37 -25.04 2.37 -19.42
CA ALA B 37 -23.98 1.42 -19.73
C ALA B 37 -24.40 -0.01 -19.47
N ALA B 38 -25.15 -0.21 -18.38
CA ALA B 38 -25.59 -1.54 -17.98
C ALA B 38 -26.54 -2.14 -19.01
N LYS B 39 -27.25 -1.27 -19.72
CA LYS B 39 -28.16 -1.70 -20.79
C LYS B 39 -27.44 -2.50 -21.87
N SER B 40 -26.16 -2.22 -22.08
CA SER B 40 -25.37 -2.94 -23.07
C SER B 40 -24.85 -4.28 -22.56
N PHE B 41 -25.04 -4.54 -21.27
CA PHE B 41 -24.64 -5.79 -20.64
C PHE B 41 -25.83 -6.29 -19.84
N PRO B 42 -26.89 -6.73 -20.55
CA PRO B 42 -28.18 -6.98 -19.92
C PRO B 42 -28.20 -8.06 -18.83
N SER B 43 -27.25 -8.98 -18.86
CA SER B 43 -27.24 -10.02 -17.84
C SER B 43 -26.56 -9.59 -16.54
N PHE B 44 -25.88 -8.44 -16.57
CA PHE B 44 -25.29 -7.87 -15.35
C PHE B 44 -26.40 -7.51 -14.38
N GLY B 45 -26.37 -8.07 -13.17
CA GLY B 45 -27.35 -7.69 -12.14
C GLY B 45 -28.77 -8.19 -12.39
N THR B 46 -28.92 -9.07 -13.38
CA THR B 46 -30.21 -9.69 -13.71
C THR B 46 -30.07 -11.22 -13.81
N THR B 47 -28.96 -11.73 -13.30
CA THR B 47 -28.67 -13.16 -13.35
C THR B 47 -28.77 -13.77 -11.95
N GLY B 48 -29.64 -14.77 -11.81
CA GLY B 48 -29.83 -15.47 -10.54
C GLY B 48 -30.95 -14.91 -9.68
N SER B 49 -30.96 -15.31 -8.41
CA SER B 49 -31.92 -14.82 -7.44
C SER B 49 -31.70 -13.35 -7.16
N THR B 50 -32.68 -12.70 -6.53
CA THR B 50 -32.56 -11.30 -6.14
C THR B 50 -31.35 -11.13 -5.21
N ASP B 51 -31.14 -12.11 -4.33
CA ASP B 51 -29.98 -12.10 -3.42
C ASP B 51 -28.66 -12.00 -4.22
N VAL B 52 -28.53 -12.86 -5.22
CA VAL B 52 -27.34 -12.90 -6.06
C VAL B 52 -27.17 -11.63 -6.90
N ARG B 53 -28.26 -11.15 -7.48
CA ARG B 53 -28.25 -9.90 -8.25
C ARG B 53 -27.74 -8.72 -7.43
N LYS B 54 -28.27 -8.60 -6.22
CA LYS B 54 -27.83 -7.57 -5.28
C LYS B 54 -26.34 -7.73 -4.98
N ARG B 55 -25.91 -8.95 -4.72
CA ARG B 55 -24.49 -9.19 -4.44
C ARG B 55 -23.62 -8.79 -5.63
N GLU B 56 -24.10 -9.04 -6.85
CA GLU B 56 -23.31 -8.73 -8.03
C GLU B 56 -23.11 -7.22 -8.08
N ILE B 57 -24.21 -6.48 -7.93
CA ILE B 57 -24.13 -5.02 -7.93
C ILE B 57 -23.19 -4.50 -6.82
N ALA B 58 -23.32 -5.06 -5.61
CA ALA B 58 -22.44 -4.68 -4.50
C ALA B 58 -20.97 -5.00 -4.81
N ALA B 59 -20.70 -6.16 -5.40
CA ALA B 59 -19.32 -6.56 -5.69
C ALA B 59 -18.73 -5.67 -6.79
N PHE B 60 -19.50 -5.37 -7.83
CA PHE B 60 -19.02 -4.49 -8.88
C PHE B 60 -18.72 -3.10 -8.34
N LEU B 61 -19.66 -2.55 -7.58
CA LEU B 61 -19.46 -1.21 -7.04
C LEU B 61 -18.38 -1.22 -5.97
N GLY B 62 -18.25 -2.33 -5.25
CA GLY B 62 -17.19 -2.43 -4.24
C GLY B 62 -15.81 -2.39 -4.85
N GLN B 63 -15.59 -3.19 -5.88
CA GLN B 63 -14.30 -3.25 -6.55
C GLN B 63 -13.95 -1.92 -7.22
N THR B 64 -14.88 -1.39 -7.98
CA THR B 64 -14.67 -0.14 -8.69
C THR B 64 -14.51 1.04 -7.71
N SER B 65 -15.15 0.94 -6.55
CA SER B 65 -14.97 1.97 -5.52
C SER B 65 -13.55 1.99 -5.01
N HIS B 66 -12.99 0.82 -4.77
CA HIS B 66 -11.58 0.77 -4.40
C HIS B 66 -10.70 1.37 -5.49
N GLU B 67 -10.99 1.00 -6.74
CA GLU B 67 -10.17 1.44 -7.88
C GLU B 67 -10.14 2.97 -8.00
N THR B 68 -11.18 3.60 -7.45
CA THR B 68 -11.36 5.02 -7.64
C THR B 68 -11.43 5.76 -6.30
N THR B 69 -10.95 5.13 -5.25
CA THR B 69 -11.12 5.67 -3.91
C THR B 69 -10.35 6.94 -3.63
N GLY B 70 -11.00 7.83 -2.88
CA GLY B 70 -10.30 8.96 -2.25
C GLY B 70 -10.44 8.91 -0.73
N GLY B 71 -10.64 7.72 -0.18
CA GLY B 71 -10.88 7.58 1.25
C GLY B 71 -9.64 7.72 2.11
N TRP B 72 -9.87 8.10 3.37
CA TRP B 72 -8.82 8.12 4.37
C TRP B 72 -9.48 7.80 5.71
N PRO B 73 -8.71 7.40 6.73
CA PRO B 73 -9.34 6.88 7.95
C PRO B 73 -10.38 7.80 8.62
N SER B 74 -10.10 9.10 8.66
CA SER B 74 -10.98 10.03 9.37
C SER B 74 -11.96 10.74 8.43
N ALA B 75 -12.11 10.22 7.23
CA ALA B 75 -13.05 10.80 6.27
C ALA B 75 -14.49 10.80 6.77
N PRO B 76 -15.24 11.86 6.44
CA PRO B 76 -16.69 11.87 6.71
C PRO B 76 -17.33 10.59 6.18
N ASP B 77 -18.09 9.91 7.04
CA ASP B 77 -18.79 8.66 6.72
C ASP B 77 -17.86 7.46 6.53
N GLY B 78 -16.57 7.66 6.81
CA GLY B 78 -15.60 6.57 6.78
C GLY B 78 -14.96 6.39 5.41
N PRO B 79 -13.85 5.65 5.35
CA PRO B 79 -13.10 5.51 4.10
C PRO B 79 -13.86 4.74 3.01
N TYR B 80 -14.95 4.07 3.38
CA TYR B 80 -15.74 3.30 2.43
C TYR B 80 -16.92 4.09 1.88
N ALA B 81 -16.93 5.40 2.13
CA ALA B 81 -17.92 6.31 1.53
C ALA B 81 -17.29 7.22 0.49
N TRP B 82 -16.04 6.94 0.12
CA TRP B 82 -15.26 7.79 -0.77
C TRP B 82 -14.89 7.12 -2.10
N GLY B 83 -15.72 6.18 -2.55
CA GLY B 83 -15.55 5.61 -3.87
C GLY B 83 -15.90 6.59 -4.98
N TYR B 84 -15.37 6.33 -6.17
CA TYR B 84 -15.72 7.09 -7.37
C TYR B 84 -15.30 8.55 -7.27
N CYS B 85 -14.22 8.78 -6.54
CA CYS B 85 -13.63 10.09 -6.31
C CYS B 85 -12.59 10.42 -7.38
N PHE B 86 -11.94 9.37 -7.91
CA PHE B 86 -10.90 9.52 -8.92
C PHE B 86 -11.28 8.89 -10.27
N LEU B 87 -10.64 9.38 -11.33
CA LEU B 87 -10.90 8.91 -12.68
C LEU B 87 -9.66 8.37 -13.38
N LYS B 88 -8.50 8.99 -13.13
CA LYS B 88 -7.22 8.56 -13.72
C LYS B 88 -6.27 8.04 -12.64
N GLU B 89 -5.56 6.96 -12.97
CA GLU B 89 -4.59 6.37 -12.06
C GLU B 89 -3.61 7.41 -11.55
N ARG B 90 -3.43 7.42 -10.23
CA ARG B 90 -2.44 8.27 -9.58
C ARG B 90 -1.03 7.77 -9.87
N ASN B 91 -0.14 8.72 -10.20
CA ASN B 91 1.30 8.46 -10.21
C ASN B 91 1.67 7.25 -11.07
N PRO B 92 1.25 7.22 -12.36
CA PRO B 92 1.70 6.11 -13.21
C PRO B 92 3.16 6.30 -13.61
N SER B 93 3.90 5.19 -13.64
CA SER B 93 5.32 5.22 -13.98
C SER B 93 5.59 4.41 -15.23
N SER B 94 4.51 3.87 -15.80
CA SER B 94 4.58 3.00 -16.95
C SER B 94 3.55 3.45 -17.97
N ASN B 95 3.78 3.11 -19.24
CA ASN B 95 2.76 3.31 -20.26
C ASN B 95 1.86 2.09 -20.39
N TYR B 96 2.12 1.07 -19.57
CA TYR B 96 1.34 -0.18 -19.58
C TYR B 96 1.16 -0.72 -20.99
N CYS B 97 2.31 -0.89 -21.66
CA CYS B 97 2.38 -1.45 -22.98
C CYS B 97 3.13 -2.78 -22.94
N ALA B 98 2.43 -3.85 -23.28
CA ALA B 98 3.05 -5.18 -23.38
C ALA B 98 3.02 -5.63 -24.85
N PRO B 99 4.04 -6.41 -25.27
CA PRO B 99 4.08 -6.88 -26.66
C PRO B 99 2.75 -7.55 -27.02
N SER B 100 2.17 -7.13 -28.15
CA SER B 100 0.89 -7.70 -28.59
C SER B 100 0.73 -7.68 -30.10
N PRO B 101 0.54 -8.87 -30.71
CA PRO B 101 0.29 -8.95 -32.14
C PRO B 101 -1.07 -8.34 -32.50
N ARG B 102 -2.11 -8.71 -31.74
CA ARG B 102 -3.49 -8.26 -31.98
C ARG B 102 -3.70 -6.79 -31.60
N TYR B 103 -3.10 -6.37 -30.49
CA TYR B 103 -3.35 -5.04 -29.95
C TYR B 103 -2.08 -4.20 -29.73
N PRO B 104 -1.41 -3.81 -30.84
CA PRO B 104 -0.15 -3.09 -30.71
C PRO B 104 -0.35 -1.74 -30.01
N CYS B 105 0.60 -1.35 -29.17
CA CYS B 105 0.50 -0.08 -28.45
C CYS B 105 0.63 1.09 -29.42
N ALA B 106 -0.27 2.06 -29.28
CA ALA B 106 -0.17 3.29 -30.04
C ALA B 106 0.98 4.11 -29.47
N PRO B 107 1.95 4.51 -30.32
CA PRO B 107 3.10 5.23 -29.77
C PRO B 107 2.70 6.58 -29.16
N GLY B 108 3.25 6.88 -27.97
CA GLY B 108 2.92 8.10 -27.25
C GLY B 108 1.62 8.03 -26.45
N LYS B 109 1.00 6.86 -26.39
CA LYS B 109 -0.19 6.67 -25.55
C LYS B 109 0.20 5.84 -24.34
N SER B 110 -0.47 6.12 -23.22
CA SER B 110 -0.25 5.37 -22.00
C SER B 110 -1.56 4.68 -21.60
N TYR B 111 -1.46 3.38 -21.31
CA TYR B 111 -2.64 2.59 -20.93
C TYR B 111 -2.77 2.44 -19.41
N TYR B 112 -2.48 3.53 -18.70
CA TYR B 112 -2.72 3.59 -17.25
C TYR B 112 -4.23 3.51 -16.93
N GLY B 113 -4.54 3.25 -15.67
CA GLY B 113 -5.93 3.09 -15.23
C GLY B 113 -6.83 4.26 -15.51
N ARG B 114 -7.98 3.96 -16.12
CA ARG B 114 -9.00 4.98 -16.36
C ARG B 114 -10.37 4.39 -16.09
N GLY B 115 -11.25 5.22 -15.53
CA GLY B 115 -12.64 4.82 -15.32
C GLY B 115 -12.82 3.96 -14.09
N PRO B 116 -14.06 3.47 -13.88
CA PRO B 116 -14.40 2.77 -12.65
C PRO B 116 -13.57 1.54 -12.34
N ILE B 117 -13.20 0.75 -13.36
CA ILE B 117 -12.36 -0.43 -13.08
C ILE B 117 -10.86 -0.15 -13.25
N GLN B 118 -10.53 1.12 -13.56
CA GLN B 118 -9.13 1.50 -13.80
C GLN B 118 -8.50 0.59 -14.83
N LEU B 119 -9.22 0.44 -15.94
CA LEU B 119 -8.77 -0.38 -17.05
C LEU B 119 -7.32 -0.03 -17.41
N SER B 120 -6.49 -1.05 -17.51
CA SER B 120 -5.07 -0.88 -17.78
C SER B 120 -4.60 -1.83 -18.86
N TRP B 121 -3.52 -1.46 -19.55
CA TRP B 121 -2.81 -2.30 -20.54
C TRP B 121 -3.43 -2.27 -21.93
N ASN B 122 -2.58 -2.19 -22.95
CA ASN B 122 -3.03 -2.25 -24.34
C ASN B 122 -3.86 -3.50 -24.61
N TYR B 123 -3.51 -4.61 -23.96
CA TYR B 123 -4.22 -5.86 -24.18
C TYR B 123 -5.61 -5.93 -23.53
N ASN B 124 -5.97 -4.90 -22.78
CA ASN B 124 -7.36 -4.73 -22.32
C ASN B 124 -8.08 -3.64 -23.10
N TYR B 125 -7.41 -2.50 -23.31
CA TYR B 125 -7.98 -1.42 -24.12
C TYR B 125 -8.32 -1.88 -25.52
N GLY B 126 -7.46 -2.73 -26.09
CA GLY B 126 -7.68 -3.29 -27.43
C GLY B 126 -8.99 -4.04 -27.58
N PRO B 127 -9.13 -5.17 -26.86
CA PRO B 127 -10.39 -5.92 -27.01
C PRO B 127 -11.61 -5.19 -26.45
N CYS B 128 -11.42 -4.34 -25.44
CA CYS B 128 -12.54 -3.58 -24.92
C CYS B 128 -13.08 -2.62 -25.97
N GLY B 129 -12.17 -1.91 -26.65
CA GLY B 129 -12.55 -1.01 -27.72
C GLY B 129 -13.25 -1.73 -28.86
N GLU B 130 -12.74 -2.90 -29.20
CA GLU B 130 -13.35 -3.77 -30.19
C GLU B 130 -14.80 -4.11 -29.83
N ALA B 131 -15.03 -4.49 -28.57
CA ALA B 131 -16.37 -4.83 -28.08
C ALA B 131 -17.32 -3.64 -28.11
N LEU B 132 -16.80 -2.47 -27.75
CA LEU B 132 -17.62 -1.24 -27.67
C LEU B 132 -17.68 -0.51 -29.01
N ARG B 133 -16.96 -1.05 -30.00
CA ARG B 133 -16.81 -0.42 -31.31
C ARG B 133 -16.33 1.04 -31.24
N VAL B 134 -15.36 1.30 -30.36
CA VAL B 134 -14.67 2.58 -30.30
C VAL B 134 -13.16 2.33 -30.24
N ASN B 135 -12.38 3.29 -30.73
CA ASN B 135 -10.93 3.11 -30.83
C ASN B 135 -10.19 3.41 -29.54
N LEU B 136 -10.33 2.50 -28.56
CA LEU B 136 -9.66 2.68 -27.27
C LEU B 136 -8.16 2.45 -27.32
N LEU B 137 -7.72 1.60 -28.25
CA LEU B 137 -6.29 1.35 -28.43
C LEU B 137 -5.60 2.64 -28.88
N GLY B 138 -6.22 3.34 -29.83
CA GLY B 138 -5.67 4.58 -30.37
C GLY B 138 -5.98 5.82 -29.56
N ASN B 139 -7.11 5.79 -28.85
CA ASN B 139 -7.55 6.94 -28.08
C ASN B 139 -8.01 6.49 -26.67
N PRO B 140 -7.05 6.01 -25.85
CA PRO B 140 -7.42 5.49 -24.53
C PRO B 140 -8.02 6.55 -23.60
N ASP B 141 -7.74 7.82 -23.86
CA ASP B 141 -8.33 8.89 -23.05
C ASP B 141 -9.85 8.95 -23.12
N LEU B 142 -10.45 8.31 -24.13
CA LEU B 142 -11.92 8.24 -24.21
CA LEU B 142 -11.91 8.24 -24.22
C LEU B 142 -12.53 7.67 -22.94
N VAL B 143 -11.81 6.74 -22.31
CA VAL B 143 -12.30 6.12 -21.08
C VAL B 143 -12.41 7.14 -19.94
N ALA B 144 -11.64 8.23 -20.04
CA ALA B 144 -11.69 9.29 -19.03
C ALA B 144 -12.40 10.56 -19.51
N THR B 145 -13.07 10.50 -20.66
CA THR B 145 -13.75 11.70 -21.17
C THR B 145 -15.23 11.46 -21.48
N ASP B 146 -15.60 10.22 -21.75
CA ASP B 146 -16.97 9.86 -22.09
C ASP B 146 -17.56 9.01 -20.96
N ARG B 147 -18.56 9.57 -20.27
CA ARG B 147 -19.24 8.95 -19.12
C ARG B 147 -19.71 7.54 -19.36
N VAL B 148 -20.41 7.37 -20.47
CA VAL B 148 -21.05 6.09 -20.76
C VAL B 148 -20.00 5.08 -21.17
N ILE B 149 -19.06 5.50 -22.01
CA ILE B 149 -17.96 4.63 -22.39
C ILE B 149 -17.19 4.20 -21.13
N SER B 150 -16.97 5.14 -20.21
CA SER B 150 -16.20 4.84 -19.01
C SER B 150 -16.86 3.69 -18.24
N PHE B 151 -18.16 3.81 -17.96
CA PHE B 151 -18.85 2.72 -17.26
C PHE B 151 -18.88 1.45 -18.11
N LYS B 152 -19.05 1.59 -19.42
CA LYS B 152 -19.03 0.42 -20.29
C LYS B 152 -17.72 -0.38 -20.23
N THR B 153 -16.59 0.31 -20.08
CA THR B 153 -15.29 -0.39 -19.99
C THR B 153 -15.23 -1.21 -18.72
N ALA B 154 -15.80 -0.67 -17.63
CA ALA B 154 -15.80 -1.40 -16.36
C ALA B 154 -16.69 -2.64 -16.43
N LEU B 155 -17.87 -2.46 -17.02
CA LEU B 155 -18.79 -3.58 -17.23
C LEU B 155 -18.21 -4.60 -18.20
N TRP B 156 -17.58 -4.13 -19.29
CA TRP B 156 -16.92 -5.05 -20.23
C TRP B 156 -15.92 -5.93 -19.47
N PHE B 157 -15.08 -5.30 -18.64
CA PHE B 157 -14.07 -6.06 -17.92
C PHE B 157 -14.70 -7.11 -17.02
N TRP B 158 -15.72 -6.68 -16.27
CA TRP B 158 -16.46 -7.51 -15.32
C TRP B 158 -17.12 -8.73 -15.98
N MET B 159 -17.57 -8.54 -17.21
CA MET B 159 -18.40 -9.52 -17.90
C MET B 159 -17.60 -10.45 -18.80
N THR B 160 -16.34 -10.13 -19.01
CA THR B 160 -15.55 -10.83 -20.04
C THR B 160 -14.53 -11.83 -19.47
N PRO B 161 -14.73 -13.13 -19.74
CA PRO B 161 -13.70 -14.09 -19.35
C PRO B 161 -12.44 -13.83 -20.16
N GLN B 162 -11.29 -14.04 -19.54
CA GLN B 162 -10.01 -13.98 -20.22
C GLN B 162 -9.18 -15.16 -19.72
N ALA B 163 -9.32 -16.30 -20.39
CA ALA B 163 -8.73 -17.58 -19.94
C ALA B 163 -7.25 -17.41 -19.55
N PRO B 164 -6.84 -17.97 -18.40
CA PRO B 164 -7.57 -18.89 -17.52
C PRO B 164 -8.50 -18.22 -16.50
N LYS B 165 -8.64 -16.90 -16.56
CA LYS B 165 -9.55 -16.19 -15.68
C LYS B 165 -11.01 -16.29 -16.16
N PRO B 166 -11.93 -16.68 -15.26
CA PRO B 166 -13.34 -16.59 -15.58
C PRO B 166 -13.76 -15.12 -15.54
N SER B 167 -14.99 -14.81 -15.94
CA SER B 167 -15.49 -13.45 -15.73
C SER B 167 -15.84 -13.26 -14.25
N CYS B 168 -15.63 -12.04 -13.76
CA CYS B 168 -16.09 -11.67 -12.42
C CYS B 168 -17.59 -11.97 -12.29
N HIS B 169 -18.34 -11.71 -13.36
CA HIS B 169 -19.76 -12.03 -13.42
C HIS B 169 -20.07 -13.48 -13.08
N ASP B 170 -19.38 -14.39 -13.74
CA ASP B 170 -19.61 -15.82 -13.55
C ASP B 170 -19.22 -16.26 -12.15
N VAL B 171 -18.18 -15.64 -11.58
CA VAL B 171 -17.81 -15.95 -10.20
C VAL B 171 -18.93 -15.55 -9.24
N ILE B 172 -19.37 -14.30 -9.32
CA ILE B 172 -20.31 -13.79 -8.32
C ILE B 172 -21.72 -14.38 -8.47
N THR B 173 -22.06 -14.89 -9.65
CA THR B 173 -23.39 -15.46 -9.86
C THR B 173 -23.43 -16.96 -9.60
N GLY B 174 -22.28 -17.53 -9.28
CA GLY B 174 -22.17 -18.95 -8.98
C GLY B 174 -22.14 -19.83 -10.20
N ARG B 175 -21.88 -19.25 -11.38
CA ARG B 175 -21.76 -20.01 -12.62
C ARG B 175 -20.38 -20.67 -12.75
N TRP B 176 -19.36 -20.02 -12.20
CA TRP B 176 -17.99 -20.53 -12.28
C TRP B 176 -17.72 -21.60 -11.23
N GLN B 177 -17.13 -22.70 -11.69
CA GLN B 177 -16.68 -23.79 -10.83
C GLN B 177 -15.15 -23.85 -10.91
N PRO B 178 -14.48 -23.84 -9.75
CA PRO B 178 -13.01 -23.87 -9.81
C PRO B 178 -12.46 -25.17 -10.37
N SER B 179 -11.38 -25.05 -11.14
CA SER B 179 -10.63 -26.22 -11.64
C SER B 179 -9.83 -26.85 -10.51
N ALA B 180 -9.18 -27.98 -10.78
CA ALA B 180 -8.28 -28.59 -9.79
C ALA B 180 -7.10 -27.68 -9.45
N ALA B 181 -6.63 -26.92 -10.44
CA ALA B 181 -5.54 -25.99 -10.21
C ALA B 181 -6.04 -24.86 -9.30
N ASP B 182 -7.27 -24.41 -9.51
CA ASP B 182 -7.86 -23.36 -8.68
C ASP B 182 -8.00 -23.80 -7.22
N THR B 183 -8.53 -25.00 -6.99
CA THR B 183 -8.72 -25.49 -5.62
C THR B 183 -7.39 -25.73 -4.90
N ALA B 184 -6.36 -26.16 -5.62
CA ALA B 184 -5.02 -26.28 -5.03
C ALA B 184 -4.46 -24.91 -4.64
N ALA B 185 -4.72 -23.92 -5.49
CA ALA B 185 -4.23 -22.55 -5.32
C ALA B 185 -5.06 -21.70 -4.35
N GLY B 186 -6.20 -22.21 -3.90
CA GLY B 186 -7.06 -21.46 -2.97
C GLY B 186 -7.97 -20.46 -3.66
N ARG B 187 -8.07 -20.57 -4.99
CA ARG B 187 -8.95 -19.71 -5.75
C ARG B 187 -10.36 -20.30 -5.74
N LEU B 188 -11.12 -19.93 -4.71
CA LEU B 188 -12.45 -20.46 -4.45
C LEU B 188 -13.49 -19.37 -4.68
N PRO B 189 -14.73 -19.75 -5.06
CA PRO B 189 -15.76 -18.74 -5.32
C PRO B 189 -15.89 -17.74 -4.19
N GLY B 190 -15.91 -16.45 -4.57
CA GLY B 190 -16.08 -15.37 -3.63
C GLY B 190 -15.44 -14.09 -4.15
N TYR B 191 -15.48 -13.07 -3.30
CA TYR B 191 -15.00 -11.73 -3.65
C TYR B 191 -13.48 -11.74 -3.86
N GLY B 192 -12.76 -12.55 -3.08
CA GLY B 192 -11.30 -12.66 -3.18
C GLY B 192 -10.82 -13.03 -4.57
N VAL B 193 -11.47 -14.00 -5.18
CA VAL B 193 -11.07 -14.43 -6.52
C VAL B 193 -11.38 -13.35 -7.57
N ILE B 194 -12.37 -12.52 -7.30
CA ILE B 194 -12.69 -11.38 -8.16
C ILE B 194 -11.56 -10.33 -8.05
N THR B 195 -11.05 -10.08 -6.85
CA THR B 195 -9.84 -9.25 -6.71
C THR B 195 -8.67 -9.84 -7.48
N ASN B 196 -8.54 -11.16 -7.44
CA ASN B 196 -7.51 -11.87 -8.18
C ASN B 196 -7.65 -11.65 -9.70
N ILE B 197 -8.86 -11.76 -10.24
CA ILE B 197 -9.07 -11.49 -11.66
C ILE B 197 -8.68 -10.04 -12.01
N ILE B 198 -9.05 -9.10 -11.15
CA ILE B 198 -8.83 -7.69 -11.45
C ILE B 198 -7.35 -7.27 -11.38
N ASN B 199 -6.65 -7.73 -10.34
CA ASN B 199 -5.27 -7.27 -10.13
C ASN B 199 -4.43 -8.24 -9.29
N GLY B 200 -4.68 -9.53 -9.47
CA GLY B 200 -4.09 -10.56 -8.62
C GLY B 200 -2.58 -10.68 -8.67
N GLY B 201 -2.01 -10.47 -9.85
CA GLY B 201 -0.56 -10.46 -10.02
C GLY B 201 0.15 -9.59 -9.00
N LEU B 202 -0.39 -8.40 -8.76
CA LEU B 202 0.19 -7.45 -7.80
C LEU B 202 -0.34 -7.55 -6.38
N GLU B 203 -1.55 -8.07 -6.19
CA GLU B 203 -2.22 -8.01 -4.90
C GLU B 203 -2.43 -9.32 -4.14
N CYS B 204 -2.39 -10.44 -4.86
CA CYS B 204 -2.79 -11.71 -4.26
C CYS B 204 -1.65 -12.67 -3.98
N GLY B 205 -1.89 -13.54 -3.00
CA GLY B 205 -0.98 -14.64 -2.70
C GLY B 205 0.25 -14.24 -1.92
N LYS B 206 0.25 -13.01 -1.40
CA LYS B 206 1.40 -12.42 -0.73
C LYS B 206 1.08 -11.99 0.71
N GLY B 207 0.02 -12.55 1.27
CA GLY B 207 -0.41 -12.19 2.62
C GLY B 207 -1.16 -10.88 2.68
N PRO B 208 -1.53 -10.44 3.89
CA PRO B 208 -2.33 -9.23 4.05
C PRO B 208 -1.75 -8.03 3.34
N ASN B 209 -2.61 -7.26 2.68
CA ASN B 209 -2.23 -5.94 2.20
C ASN B 209 -3.44 -5.01 2.13
N PRO B 210 -3.18 -3.69 2.20
CA PRO B 210 -4.28 -2.76 2.27
C PRO B 210 -5.13 -2.68 0.99
N GLN B 211 -4.56 -2.95 -0.18
CA GLN B 211 -5.36 -2.90 -1.41
C GLN B 211 -6.52 -3.90 -1.37
N VAL B 212 -6.18 -5.14 -1.04
CA VAL B 212 -7.19 -6.19 -0.96
C VAL B 212 -8.23 -5.86 0.12
N ALA B 213 -7.77 -5.39 1.27
CA ALA B 213 -8.67 -5.08 2.39
C ALA B 213 -9.60 -3.90 2.10
N ASP B 214 -9.09 -2.90 1.37
CA ASP B 214 -9.90 -1.74 1.01
C ASP B 214 -11.05 -2.19 0.09
N ARG B 215 -10.76 -3.08 -0.85
CA ARG B 215 -11.81 -3.64 -1.71
C ARG B 215 -12.88 -4.28 -0.85
N ILE B 216 -12.46 -5.01 0.20
CA ILE B 216 -13.42 -5.70 1.05
C ILE B 216 -14.32 -4.72 1.81
N GLY B 217 -13.73 -3.64 2.31
CA GLY B 217 -14.50 -2.66 3.08
C GLY B 217 -15.65 -2.08 2.28
N PHE B 218 -15.40 -1.69 1.03
CA PHE B 218 -16.46 -1.17 0.17
C PHE B 218 -17.52 -2.21 -0.05
N PHE B 219 -17.12 -3.44 -0.37
CA PHE B 219 -18.08 -4.52 -0.59
C PHE B 219 -18.95 -4.74 0.63
N ARG B 220 -18.36 -4.75 1.82
CA ARG B 220 -19.15 -4.89 3.04
C ARG B 220 -20.16 -3.78 3.20
N ARG B 221 -19.73 -2.52 3.03
CA ARG B 221 -20.66 -1.39 3.13
C ARG B 221 -21.83 -1.56 2.17
N TYR B 222 -21.53 -1.90 0.91
CA TYR B 222 -22.57 -1.96 -0.11
C TYR B 222 -23.51 -3.16 0.09
N CYS B 223 -22.98 -4.28 0.55
CA CYS B 223 -23.84 -5.41 0.89
C CYS B 223 -24.77 -5.05 2.04
N GLY B 224 -24.27 -4.28 3.00
CA GLY B 224 -25.10 -3.83 4.11
C GLY B 224 -26.26 -2.98 3.60
N ILE B 225 -25.96 -2.06 2.70
CA ILE B 225 -26.95 -1.14 2.13
C ILE B 225 -27.98 -1.90 1.28
N LEU B 226 -27.52 -2.89 0.52
CA LEU B 226 -28.41 -3.71 -0.32
C LEU B 226 -29.11 -4.81 0.47
N GLY B 227 -28.64 -5.06 1.68
CA GLY B 227 -29.22 -6.08 2.58
C GLY B 227 -28.92 -7.53 2.25
N VAL B 228 -27.69 -7.82 1.84
CA VAL B 228 -27.28 -9.19 1.51
C VAL B 228 -25.99 -9.54 2.22
N GLY B 229 -25.74 -10.83 2.41
CA GLY B 229 -24.44 -11.25 2.95
C GLY B 229 -23.35 -11.09 1.92
N THR B 230 -22.11 -10.92 2.39
CA THR B 230 -20.97 -10.77 1.49
C THR B 230 -20.51 -12.13 0.95
N GLY B 231 -20.91 -13.19 1.65
CA GLY B 231 -20.28 -14.50 1.45
C GLY B 231 -18.89 -14.53 2.07
N ASN B 232 -18.20 -15.66 1.91
CA ASN B 232 -16.86 -15.80 2.46
C ASN B 232 -15.81 -15.76 1.37
N ASN B 233 -14.61 -16.19 1.70
CA ASN B 233 -13.48 -16.10 0.77
C ASN B 233 -13.34 -14.68 0.22
N LEU B 234 -13.28 -13.70 1.13
CA LEU B 234 -13.31 -12.29 0.73
C LEU B 234 -11.96 -11.75 0.32
N ASP B 235 -10.88 -12.32 0.86
CA ASP B 235 -9.54 -11.88 0.50
C ASP B 235 -8.87 -12.86 -0.45
N CYS B 236 -7.75 -12.45 -1.02
CA CYS B 236 -6.95 -13.35 -1.83
C CYS B 236 -5.52 -13.46 -1.28
N TYR B 237 -5.37 -13.24 0.02
CA TYR B 237 -4.04 -13.21 0.66
C TYR B 237 -3.26 -14.50 0.45
N ASN B 238 -4.00 -15.60 0.32
CA ASN B 238 -3.41 -16.93 0.19
C ASN B 238 -3.76 -17.61 -1.13
N GLN B 239 -4.19 -16.82 -2.10
CA GLN B 239 -4.50 -17.33 -3.44
C GLN B 239 -3.34 -17.07 -4.38
N ARG B 240 -2.90 -18.11 -5.09
CA ARG B 240 -1.94 -17.89 -6.18
C ARG B 240 -2.64 -17.04 -7.24
N PRO B 241 -1.95 -16.02 -7.80
CA PRO B 241 -2.55 -15.32 -8.92
C PRO B 241 -2.91 -16.26 -10.08
N PHE B 242 -4.01 -15.95 -10.78
CA PHE B 242 -4.34 -16.65 -12.01
C PHE B 242 -3.17 -16.65 -12.99
N GLY B 243 -2.90 -17.81 -13.59
CA GLY B 243 -1.68 -18.01 -14.38
C GLY B 243 -0.49 -18.31 -13.47
C1 NDG C . 9.87 -4.37 3.66
C2 NDG C . 9.80 -5.03 5.06
C3 NDG C . 11.00 -4.86 5.99
C4 NDG C . 12.29 -4.85 5.18
C5 NDG C . 12.25 -3.72 4.14
C6 NDG C . 13.47 -3.74 3.23
C7 NDG C . 7.61 -5.59 5.92
C8 NDG C . 6.45 -5.18 6.79
O5 NDG C . 11.09 -3.71 3.29
O3 NDG C . 10.95 -5.88 6.98
O4 NDG C . 13.35 -4.65 6.10
O6 NDG C . 13.48 -2.70 2.26
O7 NDG C . 7.58 -6.67 5.33
N2 NDG C . 8.59 -4.70 5.82
O1 NDG C . 8.80 -3.49 3.40
C1 NAG D . 19.13 -5.81 8.94
C2 NAG D . 19.48 -5.16 10.29
C3 NAG D . 20.94 -4.72 10.33
C4 NAG D . 21.87 -5.82 9.84
C5 NAG D . 21.38 -6.40 8.51
C6 NAG D . 22.22 -7.57 8.01
C7 NAG D . 17.71 -4.00 11.53
C8 NAG D . 16.87 -2.77 11.63
N2 NAG D . 18.61 -4.01 10.54
O1 NAG D . 17.85 -6.37 9.03
O3 NAG D . 21.32 -4.31 11.64
O4 NAG D . 23.18 -5.29 9.71
O5 NAG D . 20.05 -6.85 8.68
O6 NAG D . 21.86 -7.87 6.68
O7 NAG D . 17.56 -4.92 12.34
C1 NDG E . 8.47 17.26 -1.04
C2 NDG E . 7.52 16.54 -2.00
C3 NDG E . 7.35 17.37 -3.28
C4 NDG E . 6.96 18.82 -2.94
C5 NDG E . 7.93 19.42 -1.91
C6 NDG E . 7.51 20.82 -1.49
C7 NDG E . 7.38 14.11 -1.80
C8 NDG E . 8.05 12.79 -2.11
O5 NDG E . 7.99 18.59 -0.77
O3 NDG E . 6.37 16.80 -4.11
O4 NDG E . 6.95 19.61 -4.12
O6 NDG E . 6.22 20.78 -0.90
O7 NDG E . 6.33 14.13 -1.18
N2 NDG E . 8.02 15.20 -2.24
O1 NDG E . 9.75 17.32 -1.61
S SO4 F . -0.41 15.76 2.59
O1 SO4 F . -1.60 16.53 2.96
O2 SO4 F . 0.37 16.50 1.60
O3 SO4 F . 0.43 15.55 3.77
O4 SO4 F . -0.84 14.47 2.04
C1 GOL G . -3.64 7.38 17.54
O1 GOL G . -3.15 6.34 16.71
C2 GOL G . -2.48 8.14 18.21
O2 GOL G . -1.85 9.01 17.32
C3 GOL G . -2.96 8.89 19.44
O3 GOL G . -2.01 8.81 20.50
C1 NAG H . -5.91 2.51 -6.74
C2 NAG H . -5.67 3.07 -8.14
C3 NAG H . -5.87 2.01 -9.23
C4 NAG H . -5.16 0.71 -8.87
C5 NAG H . -5.51 0.30 -7.45
C6 NAG H . -4.74 -0.97 -7.09
C7 NAG H . -6.13 5.42 -8.64
C8 NAG H . -7.20 6.42 -8.95
N2 NAG H . -6.56 4.18 -8.40
O1 NAG H . -5.50 3.46 -5.78
O3 NAG H . -5.46 2.48 -10.51
O4 NAG H . -5.56 -0.29 -9.81
O5 NAG H . -5.15 1.32 -6.55
O6 NAG H . -5.11 -1.42 -5.82
O7 NAG H . -4.94 5.75 -8.61
C1 NAG I . -4.34 -5.13 -14.21
C2 NAG I . -5.42 -5.55 -15.20
C3 NAG I . -5.43 -7.07 -15.38
C4 NAG I . -4.02 -7.59 -15.68
C5 NAG I . -3.04 -7.06 -14.64
C6 NAG I . -1.59 -7.49 -14.93
C7 NAG I . -7.47 -4.17 -15.39
C8 NAG I . -8.77 -3.81 -14.73
N2 NAG I . -6.74 -5.10 -14.75
O1 NAG I . -4.21 -3.72 -14.24
O3 NAG I . -6.27 -7.41 -16.46
O4 NAG I . -4.05 -8.99 -15.69
O5 NAG I . -3.09 -5.65 -14.62
O6 NAG I . -0.78 -7.20 -13.81
O7 NAG I . -7.12 -3.62 -16.45
C1 NAG J . -21.80 -3.45 6.87
C2 NAG J . -21.01 -2.36 7.60
C3 NAG J . -21.11 -2.55 9.12
C4 NAG J . -22.57 -2.65 9.50
C5 NAG J . -23.29 -3.78 8.75
C6 NAG J . -24.79 -3.80 9.05
C7 NAG J . -19.05 -1.33 6.49
C8 NAG J . -17.66 -1.51 5.94
N2 NAG J . -19.62 -2.36 7.15
O1 NAG J . -21.93 -3.02 5.54
O3 NAG J . -20.49 -1.46 9.77
O4 NAG J . -22.70 -2.87 10.88
O5 NAG J . -23.12 -3.65 7.35
O6 NAG J . -25.41 -2.62 8.55
O7 NAG J . -19.63 -0.25 6.31
S SO4 K . -24.16 5.12 5.25
O1 SO4 K . -25.18 5.11 6.27
O2 SO4 K . -24.76 5.09 3.93
O3 SO4 K . -23.35 6.33 5.39
O4 SO4 K . -23.31 3.93 5.41
S SO4 L . -19.66 16.31 -0.17
O1 SO4 L . -20.53 15.90 -1.26
O2 SO4 L . -19.14 17.64 -0.47
O3 SO4 L . -20.40 16.34 1.08
O4 SO4 L . -18.54 15.38 -0.05
S SO4 M . -26.68 11.45 -10.07
O1 SO4 M . -25.98 12.33 -9.12
O2 SO4 M . -25.77 10.42 -10.54
O3 SO4 M . -27.82 10.84 -9.37
O4 SO4 M . -27.14 12.24 -11.20
#